data_5HA0
#
_entry.id   5HA0
#
_cell.length_a   34.402
_cell.length_b   58.299
_cell.length_c   36.039
_cell.angle_alpha   90.000
_cell.angle_beta   104.140
_cell.angle_gamma   90.000
#
_symmetry.space_group_name_H-M   'P 1 21 1'
#
loop_
_entity.id
_entity.type
_entity.pdbx_description
1 polymer 'Lipocalin AI-4'
2 non-polymer '(5~{S},6~{R},7~{E},9~{E},11~{Z},14~{Z})-6-[(2~{R})-2-azanyl-3-(2-hydroxy-2-oxoethylamino)-3-oxidanylidene-propyl]sulfanyl-5-oxidanyl-icosa-7,9,11,14-tetraenoic acid'
3 water water
#
_entity_poly.entity_id   1
_entity_poly.type   'polypeptide(L)'
_entity_poly.pdbx_seq_one_letter_code
;AEVTSIPTGCNALSGKIMSGFDANRFFTGDWYLTHSRDSEVPVRCEKYQTGSNLQLNFNGKNGDVKCSGSTVSGNQGFYS
FQCTTTSGGSFTSYMAVVETDYANYALLYRCGLYGSTTPKDNFLLFNRQSSGEIPAGLSTKLNQLELTSLNKLGCS
;
_entity_poly.pdbx_strand_id   A
#
# COMPACT_ATOMS: atom_id res chain seq x y z
N ALA A 1 2.06 -23.77 -8.68
CA ALA A 1 0.67 -23.40 -8.88
C ALA A 1 0.46 -21.91 -8.60
N GLU A 2 -0.49 -21.32 -9.31
CA GLU A 2 -0.76 -19.89 -9.16
C GLU A 2 -1.44 -19.62 -7.82
N VAL A 3 -1.07 -18.52 -7.17
CA VAL A 3 -1.73 -18.08 -5.95
C VAL A 3 -2.98 -17.27 -6.33
N THR A 4 -4.15 -17.75 -5.92
CA THR A 4 -5.40 -17.21 -6.46
C THR A 4 -6.21 -16.39 -5.46
N SER A 5 -5.74 -16.31 -4.23
CA SER A 5 -6.35 -15.44 -3.25
C SER A 5 -5.29 -14.96 -2.28
N ILE A 6 -5.62 -13.90 -1.56
CA ILE A 6 -4.69 -13.32 -0.60
C ILE A 6 -4.47 -14.31 0.56
N PRO A 7 -3.37 -14.15 1.31
CA PRO A 7 -3.09 -15.10 2.39
C PRO A 7 -4.18 -15.15 3.44
N THR A 8 -4.40 -16.36 3.94
CA THR A 8 -5.32 -16.56 5.05
C THR A 8 -4.91 -15.67 6.21
N GLY A 9 -5.88 -14.90 6.73
CA GLY A 9 -5.57 -13.96 7.80
C GLY A 9 -5.51 -12.54 7.31
N CYS A 10 -5.32 -12.36 6.01
CA CYS A 10 -5.37 -11.02 5.43
C CYS A 10 -6.82 -10.60 5.22
N ASN A 11 -7.09 -9.31 5.39
CA ASN A 11 -8.46 -8.81 5.33
C ASN A 11 -8.83 -8.45 3.89
N ALA A 12 -9.81 -9.15 3.32
CA ALA A 12 -10.21 -8.87 1.94
C ALA A 12 -11.03 -7.57 1.82
N LEU A 13 -11.45 -7.02 2.95
CA LEU A 13 -12.14 -5.73 3.01
C LEU A 13 -13.36 -5.69 2.09
N SER A 14 -14.07 -6.81 2.02
CA SER A 14 -15.29 -6.88 1.24
C SER A 14 -16.27 -5.80 1.69
N GLY A 15 -16.75 -4.99 0.76
CA GLY A 15 -17.71 -3.93 1.07
C GLY A 15 -17.08 -2.63 1.57
N LYS A 16 -15.77 -2.61 1.70
CA LYS A 16 -15.09 -1.46 2.28
C LYS A 16 -14.17 -0.76 1.29
N ILE A 17 -14.07 -1.30 0.09
CA ILE A 17 -13.21 -0.75 -0.97
C ILE A 17 -14.00 0.12 -1.94
N MET A 18 -13.36 1.21 -2.40
CA MET A 18 -13.97 2.12 -3.36
C MET A 18 -14.51 1.41 -4.57
N SER A 19 -15.56 1.97 -5.15
CA SER A 19 -16.07 1.50 -6.43
C SER A 19 -15.29 2.16 -7.56
N GLY A 20 -15.17 1.44 -8.68
CA GLY A 20 -14.60 2.00 -9.89
C GLY A 20 -13.12 2.36 -9.84
N PHE A 21 -12.33 1.59 -9.11
CA PHE A 21 -10.89 1.79 -9.08
C PHE A 21 -10.27 1.78 -10.47
N ASP A 22 -9.47 2.80 -10.77
CA ASP A 22 -8.84 2.95 -12.07
C ASP A 22 -7.33 2.75 -11.96
N ALA A 23 -6.87 1.55 -12.29
CA ALA A 23 -5.47 1.21 -12.15
C ALA A 23 -4.56 2.11 -12.98
N ASN A 24 -5.03 2.51 -14.15
CA ASN A 24 -4.24 3.38 -15.03
C ASN A 24 -3.92 4.72 -14.39
N ARG A 25 -4.83 5.24 -13.58
CA ARG A 25 -4.59 6.52 -12.94
C ARG A 25 -3.82 6.39 -11.64
N PHE A 26 -3.93 5.23 -10.98
CA PHE A 26 -3.23 5.05 -9.72
C PHE A 26 -1.75 4.69 -9.94
N PHE A 27 -1.49 3.74 -10.81
CA PHE A 27 -0.13 3.24 -11.05
C PHE A 27 0.60 4.10 -12.06
N THR A 28 0.66 5.40 -11.77
CA THR A 28 1.40 6.34 -12.58
C THR A 28 2.01 7.37 -11.63
N GLY A 29 3.17 7.89 -11.99
CA GLY A 29 3.83 8.90 -11.17
C GLY A 29 4.41 8.37 -9.87
N ASP A 30 4.69 9.30 -8.95
CA ASP A 30 5.33 8.98 -7.67
C ASP A 30 4.32 9.06 -6.55
N TRP A 31 4.50 8.21 -5.55
CA TRP A 31 3.67 8.22 -4.34
C TRP A 31 4.56 8.19 -3.11
N TYR A 32 4.40 9.14 -2.21
CA TYR A 32 5.15 9.12 -0.95
C TYR A 32 4.34 8.47 0.15
N LEU A 33 4.96 7.55 0.89
CA LEU A 33 4.28 6.91 2.01
C LEU A 33 4.41 7.80 3.24
N THR A 34 3.38 8.57 3.54
CA THR A 34 3.53 9.61 4.55
C THR A 34 3.01 9.20 5.94
N HIS A 35 2.03 8.29 5.98
CA HIS A 35 1.44 7.85 7.26
C HIS A 35 1.07 6.39 7.20
N SER A 36 1.00 5.74 8.35
CA SER A 36 0.52 4.37 8.39
C SER A 36 -0.08 4.06 9.76
N ARG A 37 -0.96 3.07 9.83
CA ARG A 37 -1.55 2.69 11.11
C ARG A 37 -0.48 2.22 12.09
N ASP A 38 0.39 1.33 11.62
CA ASP A 38 1.47 0.76 12.42
C ASP A 38 2.77 1.28 11.84
N SER A 39 3.74 1.59 12.68
CA SER A 39 5.02 2.07 12.17
C SER A 39 6.18 1.56 12.99
N GLU A 40 7.35 1.55 12.37
CA GLU A 40 8.58 1.16 13.03
C GLU A 40 9.40 2.41 13.33
N VAL A 41 10.45 2.25 14.13
CA VAL A 41 11.42 3.32 14.28
C VAL A 41 12.78 2.85 13.76
N PRO A 42 13.57 3.78 13.19
CA PRO A 42 13.23 5.18 12.94
C PRO A 42 12.31 5.33 11.74
N VAL A 43 11.45 6.34 11.74
CA VAL A 43 10.61 6.53 10.58
C VAL A 43 11.44 7.03 9.39
N ARG A 44 10.93 6.73 8.21
CA ARG A 44 11.62 6.96 6.95
C ARG A 44 10.64 7.59 5.97
N CYS A 45 11.18 8.06 4.84
CA CYS A 45 10.32 8.54 3.77
C CYS A 45 10.52 7.72 2.50
N GLU A 46 9.60 6.82 2.27
CA GLU A 46 9.63 5.97 1.07
C GLU A 46 8.91 6.63 -0.07
N LYS A 47 9.62 6.79 -1.18
CA LYS A 47 9.04 7.29 -2.42
C LYS A 47 8.86 6.10 -3.36
N TYR A 48 7.60 5.81 -3.68
CA TYR A 48 7.26 4.73 -4.58
C TYR A 48 7.17 5.26 -5.99
N GLN A 49 8.05 4.76 -6.85
CA GLN A 49 8.08 5.13 -8.25
C GLN A 49 7.37 4.08 -9.07
N THR A 50 6.41 4.50 -9.89
CA THR A 50 5.66 3.53 -10.68
C THR A 50 6.08 3.57 -12.15
N GLY A 51 5.92 2.43 -12.81
CA GLY A 51 6.15 2.35 -14.24
C GLY A 51 5.06 1.49 -14.88
N SER A 52 5.17 1.28 -16.19
CA SER A 52 4.22 0.44 -16.91
C SER A 52 4.14 -0.96 -16.35
N ASN A 53 2.98 -1.59 -16.54
CA ASN A 53 2.77 -3.00 -16.24
C ASN A 53 3.01 -3.35 -14.78
N LEU A 54 2.54 -2.48 -13.90
CA LEU A 54 2.55 -2.74 -12.47
C LEU A 54 3.96 -2.97 -11.94
N GLN A 55 4.94 -2.26 -12.50
CA GLN A 55 6.29 -2.30 -11.95
C GLN A 55 6.46 -1.13 -10.99
N LEU A 56 7.17 -1.35 -9.88
CA LEU A 56 7.44 -0.22 -9.01
C LEU A 56 8.82 -0.34 -8.36
N ASN A 57 9.34 0.81 -7.95
CA ASN A 57 10.63 0.91 -7.29
C ASN A 57 10.44 1.77 -6.06
N PHE A 58 11.02 1.40 -4.93
CA PHE A 58 11.01 2.33 -3.80
C PHE A 58 12.27 2.18 -2.97
N ASN A 59 12.60 3.23 -2.21
CA ASN A 59 13.77 3.19 -1.32
C ASN A 59 13.34 2.55 0.00
N GLY A 60 13.74 1.30 0.19
CA GLY A 60 13.28 0.53 1.33
C GLY A 60 14.20 0.65 2.53
N LYS A 61 14.00 -0.23 3.50
CA LYS A 61 14.73 -0.18 4.76
C LYS A 61 16.24 -0.26 4.58
N ASN A 62 16.66 -1.21 3.76
CA ASN A 62 18.08 -1.37 3.49
C ASN A 62 18.30 -1.60 2.00
N GLY A 63 18.18 -0.51 1.24
CA GLY A 63 18.43 -0.54 -0.18
C GLY A 63 17.18 -0.34 -1.01
N ASP A 64 17.37 -0.11 -2.30
CA ASP A 64 16.26 0.00 -3.23
C ASP A 64 15.53 -1.33 -3.37
N VAL A 65 14.23 -1.25 -3.57
CA VAL A 65 13.40 -2.44 -3.76
C VAL A 65 12.68 -2.31 -5.09
N LYS A 66 12.68 -3.40 -5.86
CA LYS A 66 11.99 -3.44 -7.13
C LYS A 66 10.90 -4.50 -7.07
N CYS A 67 9.70 -4.13 -7.48
CA CYS A 67 8.56 -5.06 -7.39
C CYS A 67 7.83 -5.19 -8.72
N SER A 68 7.25 -6.38 -8.93
CA SER A 68 6.44 -6.66 -10.10
C SER A 68 5.06 -7.11 -9.64
N GLY A 69 4.02 -6.43 -10.11
CA GLY A 69 2.67 -6.74 -9.64
C GLY A 69 1.79 -7.48 -10.62
N SER A 70 0.76 -8.08 -10.06
CA SER A 70 -0.27 -8.74 -10.84
C SER A 70 -1.57 -8.76 -10.05
N THR A 71 -2.69 -8.82 -10.75
CA THR A 71 -3.97 -8.89 -10.05
C THR A 71 -4.14 -10.25 -9.38
N VAL A 72 -4.84 -10.24 -8.24
CA VAL A 72 -5.21 -11.45 -7.55
C VAL A 72 -6.60 -11.87 -8.02
N SER A 73 -6.67 -12.99 -8.72
CA SER A 73 -7.90 -13.39 -9.41
C SER A 73 -9.12 -13.52 -8.49
N GLY A 74 -8.93 -13.95 -7.25
CA GLY A 74 -10.07 -14.23 -6.39
C GLY A 74 -10.50 -13.07 -5.50
N ASN A 75 -9.70 -12.00 -5.44
CA ASN A 75 -9.97 -10.88 -4.55
C ASN A 75 -9.96 -9.56 -5.29
N GLN A 76 -11.16 -9.07 -5.63
CA GLN A 76 -11.31 -7.84 -6.39
C GLN A 76 -10.60 -6.68 -5.74
N GLY A 77 -9.79 -5.98 -6.53
CA GLY A 77 -9.04 -4.82 -6.05
C GLY A 77 -7.64 -5.15 -5.55
N PHE A 78 -7.36 -6.44 -5.32
CA PHE A 78 -6.05 -6.80 -4.78
C PHE A 78 -5.01 -7.09 -5.84
N TYR A 79 -3.77 -6.77 -5.47
CA TYR A 79 -2.60 -7.01 -6.27
C TYR A 79 -1.60 -7.79 -5.44
N SER A 80 -0.84 -8.65 -6.12
CA SER A 80 0.29 -9.35 -5.52
C SER A 80 1.56 -8.75 -6.12
N PHE A 81 2.49 -8.36 -5.27
CA PHE A 81 3.78 -7.83 -5.72
C PHE A 81 4.89 -8.75 -5.31
N GLN A 82 5.71 -9.12 -6.29
CA GLN A 82 6.91 -9.90 -6.07
C GLN A 82 8.08 -8.92 -6.05
N CYS A 83 8.75 -8.81 -4.90
CA CYS A 83 9.78 -7.80 -4.71
C CYS A 83 11.15 -8.39 -4.44
N THR A 84 12.19 -7.68 -4.89
CA THR A 84 13.57 -8.05 -4.61
C THR A 84 14.28 -6.83 -4.06
N THR A 85 15.26 -7.06 -3.19
CA THR A 85 15.98 -5.97 -2.54
C THR A 85 17.45 -5.99 -2.91
N THR A 86 18.15 -4.88 -2.73
CA THR A 86 19.54 -4.84 -3.17
C THR A 86 20.45 -5.65 -2.24
N SER A 87 19.96 -6.02 -1.06
CA SER A 87 20.74 -6.87 -0.17
C SER A 87 20.57 -8.35 -0.56
N GLY A 88 19.77 -8.59 -1.59
CA GLY A 88 19.58 -9.94 -2.09
C GLY A 88 18.33 -10.62 -1.56
N GLY A 89 17.46 -9.86 -0.91
CA GLY A 89 16.22 -10.41 -0.39
C GLY A 89 15.11 -10.50 -1.40
N SER A 90 14.11 -11.31 -1.11
CA SER A 90 12.92 -11.38 -1.95
C SER A 90 11.70 -11.65 -1.09
N PHE A 91 10.58 -11.06 -1.46
CA PHE A 91 9.37 -11.30 -0.71
C PHE A 91 8.14 -11.00 -1.55
N THR A 92 6.99 -11.46 -1.08
CA THR A 92 5.73 -11.20 -1.72
C THR A 92 4.86 -10.34 -0.80
N SER A 93 4.14 -9.39 -1.38
CA SER A 93 3.29 -8.52 -0.59
C SER A 93 1.99 -8.27 -1.33
N TYR A 94 0.89 -8.16 -0.61
CA TYR A 94 -0.43 -7.96 -1.20
C TYR A 94 -0.98 -6.60 -0.82
N MET A 95 -1.69 -5.96 -1.74
CA MET A 95 -2.26 -4.65 -1.47
C MET A 95 -3.57 -4.43 -2.21
N ALA A 96 -4.39 -3.53 -1.65
CA ALA A 96 -5.57 -3.04 -2.32
C ALA A 96 -5.69 -1.54 -2.08
N VAL A 97 -6.13 -0.80 -3.08
CA VAL A 97 -6.41 0.62 -2.87
C VAL A 97 -7.83 0.78 -2.32
N VAL A 98 -7.92 1.28 -1.09
CA VAL A 98 -9.20 1.43 -0.41
C VAL A 98 -9.94 2.67 -0.91
N GLU A 99 -9.24 3.80 -0.96
CA GLU A 99 -9.82 5.04 -1.47
C GLU A 99 -8.71 5.87 -2.06
N THR A 100 -8.97 6.56 -3.16
CA THR A 100 -7.95 7.46 -3.73
C THR A 100 -8.63 8.49 -4.62
N ASP A 101 -8.04 9.68 -4.74
CA ASP A 101 -8.49 10.66 -5.72
C ASP A 101 -7.47 10.78 -6.84
N TYR A 102 -6.46 9.90 -6.79
CA TYR A 102 -5.42 9.74 -7.82
C TYR A 102 -4.42 10.89 -7.89
N ALA A 103 -4.90 12.12 -7.76
CA ALA A 103 -4.05 13.31 -7.91
C ALA A 103 -3.44 13.80 -6.60
N ASN A 104 -3.93 13.33 -5.45
CA ASN A 104 -3.42 13.82 -4.18
C ASN A 104 -3.10 12.74 -3.18
N TYR A 105 -4.05 11.83 -2.94
CA TYR A 105 -3.86 10.86 -1.86
C TYR A 105 -4.36 9.48 -2.23
N ALA A 106 -3.90 8.48 -1.50
CA ALA A 106 -4.42 7.12 -1.62
C ALA A 106 -4.29 6.40 -0.30
N LEU A 107 -5.40 5.83 0.16
CA LEU A 107 -5.39 4.98 1.34
C LEU A 107 -5.33 3.53 0.88
N LEU A 108 -4.28 2.82 1.26
CA LEU A 108 -4.08 1.42 0.85
C LEU A 108 -4.13 0.48 2.05
N TYR A 109 -4.49 -0.77 1.78
CA TYR A 109 -4.31 -1.84 2.73
C TYR A 109 -3.19 -2.73 2.21
N ARG A 110 -2.28 -3.16 3.08
CA ARG A 110 -1.21 -4.04 2.67
C ARG A 110 -1.12 -5.21 3.63
N CYS A 111 -0.79 -6.39 3.11
CA CYS A 111 -0.70 -7.58 3.95
C CYS A 111 0.23 -8.59 3.32
N GLY A 112 0.91 -9.38 4.15
CA GLY A 112 1.78 -10.40 3.64
C GLY A 112 2.28 -11.30 4.76
N LEU A 113 2.86 -12.44 4.40
CA LEU A 113 3.40 -13.39 5.38
C LEU A 113 4.88 -13.15 5.65
N TYR A 114 5.63 -12.86 4.59
CA TYR A 114 7.05 -12.52 4.73
C TYR A 114 7.85 -13.61 5.46
N GLY A 115 7.55 -14.87 5.14
CA GLY A 115 8.27 -15.99 5.72
C GLY A 115 7.71 -16.53 7.02
N SER A 116 6.83 -15.76 7.66
CA SER A 116 6.17 -16.18 8.88
C SER A 116 4.87 -16.92 8.59
N THR A 117 4.27 -17.51 9.62
CA THR A 117 2.99 -18.18 9.45
C THR A 117 1.83 -17.24 9.76
N THR A 118 2.14 -16.13 10.43
CA THR A 118 1.17 -15.12 10.83
C THR A 118 1.32 -13.90 9.94
N PRO A 119 0.24 -13.48 9.27
CA PRO A 119 0.40 -12.31 8.39
C PRO A 119 0.62 -11.01 9.17
N LYS A 120 1.33 -10.08 8.54
CA LYS A 120 1.46 -8.72 9.05
C LYS A 120 0.76 -7.80 8.07
N ASP A 121 -0.11 -6.91 8.57
CA ASP A 121 -0.81 -6.01 7.68
C ASP A 121 -0.72 -4.56 8.16
N ASN A 122 -1.31 -3.67 7.39
CA ASN A 122 -1.23 -2.26 7.69
C ASN A 122 -2.20 -1.48 6.84
N PHE A 123 -2.55 -0.29 7.30
CA PHE A 123 -3.19 0.68 6.42
C PHE A 123 -2.20 1.79 6.18
N LEU A 124 -2.11 2.20 4.92
CA LEU A 124 -1.07 3.11 4.45
C LEU A 124 -1.68 4.33 3.80
N LEU A 125 -1.18 5.51 4.14
CA LEU A 125 -1.59 6.71 3.43
C LEU A 125 -0.45 7.20 2.55
N PHE A 126 -0.73 7.21 1.26
CA PHE A 126 0.19 7.75 0.26
C PHE A 126 -0.24 9.13 -0.19
N ASN A 127 0.75 9.97 -0.48
CA ASN A 127 0.50 11.33 -0.91
C ASN A 127 1.35 11.66 -2.15
N ARG A 128 0.83 12.45 -3.07
CA ARG A 128 1.64 12.85 -4.21
C ARG A 128 2.78 13.80 -3.82
N GLN A 129 2.60 14.53 -2.71
CA GLN A 129 3.65 15.42 -2.21
C GLN A 129 4.21 14.86 -0.92
N SER A 130 5.53 15.01 -0.72
CA SER A 130 6.14 14.53 0.51
C SER A 130 5.61 15.25 1.74
N SER A 131 5.07 16.45 1.52
CA SER A 131 4.50 17.26 2.59
C SER A 131 3.04 16.95 2.87
N GLY A 132 2.48 16.00 2.12
CA GLY A 132 1.08 15.67 2.23
C GLY A 132 0.72 15.13 3.60
N GLU A 133 -0.46 15.51 4.09
CA GLU A 133 -0.89 14.96 5.36
C GLU A 133 -2.26 14.31 5.18
N ILE A 134 -3.14 14.42 6.17
CA ILE A 134 -4.39 13.66 6.11
C ILE A 134 -5.46 14.49 5.39
N PRO A 135 -5.96 14.00 4.26
CA PRO A 135 -6.92 14.78 3.47
C PRO A 135 -8.29 14.85 4.12
N ALA A 136 -8.97 15.98 4.00
CA ALA A 136 -10.34 16.11 4.52
C ALA A 136 -11.27 15.05 3.94
N GLY A 137 -11.06 14.68 2.67
CA GLY A 137 -11.96 13.77 1.99
C GLY A 137 -11.98 12.36 2.55
N LEU A 138 -11.00 12.02 3.38
CA LEU A 138 -10.94 10.69 3.97
C LEU A 138 -11.48 10.62 5.40
N SER A 139 -11.95 11.75 5.92
CA SER A 139 -12.38 11.82 7.31
CA SER A 139 -12.38 11.82 7.31
C SER A 139 -13.38 10.72 7.69
N THR A 140 -14.46 10.61 6.95
CA THR A 140 -15.49 9.63 7.28
C THR A 140 -14.98 8.20 7.09
N LYS A 141 -14.27 7.96 6.00
CA LYS A 141 -13.73 6.63 5.74
C LYS A 141 -12.75 6.17 6.82
N LEU A 142 -11.88 7.08 7.26
CA LEU A 142 -10.95 6.73 8.34
C LEU A 142 -11.69 6.42 9.62
N ASN A 143 -12.75 7.17 9.92
CA ASN A 143 -13.56 6.87 11.09
CA ASN A 143 -13.58 6.87 11.08
C ASN A 143 -14.19 5.48 10.98
N GLN A 144 -14.76 5.17 9.81
CA GLN A 144 -15.40 3.88 9.58
C GLN A 144 -14.42 2.72 9.78
N LEU A 145 -13.18 2.92 9.37
CA LEU A 145 -12.16 1.90 9.49
C LEU A 145 -11.40 1.94 10.80
N GLU A 146 -11.82 2.82 11.72
CA GLU A 146 -11.19 3.00 13.02
C GLU A 146 -9.71 3.37 12.88
N LEU A 147 -9.43 4.24 11.92
CA LEU A 147 -8.07 4.71 11.68
C LEU A 147 -7.96 6.16 12.11
N THR A 148 -8.23 6.39 13.38
CA THR A 148 -8.37 7.74 13.93
C THR A 148 -7.06 8.41 14.32
N SER A 149 -5.96 7.67 14.35
CA SER A 149 -4.67 8.31 14.63
C SER A 149 -3.53 7.67 13.84
N LEU A 150 -3.52 7.90 12.54
CA LEU A 150 -2.44 7.38 11.72
C LEU A 150 -1.10 7.94 12.20
N ASN A 151 -0.08 7.10 12.19
CA ASN A 151 1.26 7.51 12.55
C ASN A 151 1.93 8.24 11.39
N LYS A 152 2.44 9.44 11.64
CA LYS A 152 3.20 10.15 10.64
C LYS A 152 4.59 9.56 10.53
N LEU A 153 5.04 9.40 9.29
CA LEU A 153 6.35 8.81 9.05
C LEU A 153 7.40 9.91 8.85
N GLY A 154 8.38 9.68 7.98
CA GLY A 154 9.56 10.52 7.90
C GLY A 154 9.58 11.50 6.76
N CYS A 155 8.46 11.64 6.06
CA CYS A 155 8.36 12.63 4.99
C CYS A 155 7.90 13.98 5.52
N SER A 156 8.32 15.05 4.86
CA SER A 156 7.83 16.39 5.15
C SER A 156 7.85 17.27 3.92
#